data_3L1B
#
_entry.id   3L1B
#
_cell.length_a   33.845
_cell.length_b   55.365
_cell.length_c   118.569
_cell.angle_alpha   90.00
_cell.angle_beta   90.00
_cell.angle_gamma   90.00
#
_symmetry.space_group_name_H-M   'P 21 21 21'
#
loop_
_entity.id
_entity.type
_entity.pdbx_description
1 polymer 'Farnesoid X receptor'
2 non-polymer '1-methylethyl 8-fluoro-1,1-dimethyl-3-{[4-(3-morpholin-4-ylpropoxy)phenyl]carbonyl}-1,2,3,6-tetrahydroazepino[4,5-b]indole-5-carboxylate'
3 water water
#
_entity_poly.entity_id   1
_entity_poly.type   'polypeptide(L)'
_entity_poly.pdbx_seq_one_letter_code
;GSHGELTPDQQTLLHFIMDSYNKQRMPQEITNKILKEEFSAEENFLILTEMATNHVQVLVEFTKKLPGFQTLDHEDQIAL
LKGSAVEAMFLRSAEIFNKKLPSGHSDLLEERIRNSGISDEYITPMFSFYKSIGELKMTQEEYALLTAIVILSPDRQYIK
DREAVEKLQEPLLDVLQKLCKIHQPENPQHFACLLGRLTELRTFNHHHAEMLMSWRVNDHKFTPLLCEIWDVQ
;
_entity_poly.pdbx_strand_id   A
#
# COMPACT_ATOMS: atom_id res chain seq x y z
N SER A 2 -19.52 0.49 18.55
CA SER A 2 -18.61 -0.64 18.81
C SER A 2 -18.64 -1.64 17.66
N HIS A 3 -17.67 -2.55 17.65
CA HIS A 3 -17.56 -3.58 16.61
C HIS A 3 -18.77 -4.52 16.60
N GLY A 4 -19.69 -4.29 17.52
CA GLY A 4 -20.98 -4.94 17.48
C GLY A 4 -21.76 -4.37 16.31
N GLU A 5 -21.22 -3.30 15.73
CA GLU A 5 -21.83 -2.68 14.56
C GLU A 5 -21.67 -3.56 13.31
N LEU A 6 -20.68 -4.44 13.34
CA LEU A 6 -20.44 -5.35 12.21
C LEU A 6 -21.35 -6.57 12.31
N THR A 7 -21.79 -7.09 11.18
CA THR A 7 -22.49 -8.35 11.14
C THR A 7 -21.47 -9.45 11.41
N PRO A 8 -21.93 -10.63 11.84
CA PRO A 8 -20.93 -11.70 12.03
C PRO A 8 -20.11 -11.95 10.77
N ASP A 9 -20.74 -11.83 9.60
CA ASP A 9 -20.03 -12.03 8.35
C ASP A 9 -18.90 -11.00 8.20
N GLN A 10 -19.24 -9.73 8.43
CA GLN A 10 -18.22 -8.68 8.38
C GLN A 10 -17.16 -8.86 9.45
N GLN A 11 -17.56 -9.28 10.64
CA GLN A 11 -16.61 -9.56 11.70
C GLN A 11 -15.61 -10.61 11.25
N THR A 12 -16.10 -11.67 10.60
CA THR A 12 -15.24 -12.76 10.19
C THR A 12 -14.26 -12.28 9.14
N LEU A 13 -14.77 -11.46 8.23
CA LEU A 13 -13.94 -10.90 7.16
C LEU A 13 -12.83 -10.01 7.72
N LEU A 14 -13.19 -9.16 8.66
CA LEU A 14 -12.19 -8.31 9.32
C LEU A 14 -11.14 -9.15 10.06
N HIS A 15 -11.60 -10.13 10.82
CA HIS A 15 -10.69 -11.01 11.53
C HIS A 15 -9.72 -11.70 10.57
N PHE A 16 -10.24 -12.24 9.47
CA PHE A 16 -9.38 -12.84 8.44
C PHE A 16 -8.33 -11.86 7.94
N ILE A 17 -8.77 -10.68 7.53
CA ILE A 17 -7.87 -9.67 7.00
C ILE A 17 -6.81 -9.27 8.00
N MET A 18 -7.22 -9.09 9.25
CA MET A 18 -6.27 -8.66 10.29
C MET A 18 -5.25 -9.75 10.62
N ASP A 19 -5.73 -10.99 10.70
CA ASP A 19 -4.81 -12.11 10.91
C ASP A 19 -3.76 -12.19 9.79
N SER A 20 -4.19 -12.00 8.55
CA SER A 20 -3.23 -12.09 7.44
C SER A 20 -2.32 -10.87 7.37
N TYR A 21 -2.87 -9.71 7.72
CA TYR A 21 -2.08 -8.50 7.70
C TYR A 21 -0.98 -8.58 8.74
N ASN A 22 -1.29 -9.22 9.87
CA ASN A 22 -0.33 -9.35 10.97
C ASN A 22 0.70 -10.47 10.84
N LYS A 23 0.54 -11.32 9.83
CA LYS A 23 1.51 -12.38 9.57
C LYS A 23 2.66 -11.88 8.69
N GLN A 24 2.56 -10.63 8.27
CA GLN A 24 3.58 -10.01 7.42
C GLN A 24 4.92 -9.92 8.13
N SER A 40 26.38 5.36 2.52
CA SER A 40 27.23 4.34 1.90
C SER A 40 27.10 4.33 0.38
N ALA A 41 26.16 5.13 -0.13
CA ALA A 41 26.02 5.41 -1.56
C ALA A 41 25.23 4.37 -2.35
N GLU A 42 25.94 3.47 -3.01
CA GLU A 42 25.30 2.46 -3.84
C GLU A 42 24.77 1.31 -2.99
N GLU A 43 25.31 1.16 -1.78
CA GLU A 43 24.84 0.11 -0.88
C GLU A 43 23.48 0.49 -0.32
N ASN A 44 23.28 1.79 -0.08
CA ASN A 44 21.99 2.29 0.39
C ASN A 44 20.86 1.89 -0.54
N PHE A 45 21.07 2.12 -1.83
CA PHE A 45 20.07 1.74 -2.81
C PHE A 45 19.84 0.23 -2.81
N LEU A 46 20.93 -0.54 -2.77
CA LEU A 46 20.84 -1.99 -2.64
C LEU A 46 19.95 -2.39 -1.45
N ILE A 47 20.11 -1.70 -0.34
CA ILE A 47 19.27 -1.94 0.82
C ILE A 47 17.79 -1.69 0.49
N LEU A 48 17.51 -0.63 -0.25
CA LEU A 48 16.12 -0.32 -0.63
C LEU A 48 15.54 -1.37 -1.57
N THR A 49 16.33 -1.85 -2.53
CA THR A 49 15.82 -2.91 -3.40
C THR A 49 15.52 -4.15 -2.58
N GLU A 50 16.37 -4.44 -1.61
CA GLU A 50 16.20 -5.63 -0.78
C GLU A 50 14.93 -5.49 0.04
N MET A 51 14.73 -4.32 0.64
CA MET A 51 13.48 -4.07 1.36
C MET A 51 12.28 -4.25 0.44
N ALA A 52 12.37 -3.73 -0.78
CA ALA A 52 11.24 -3.78 -1.70
C ALA A 52 10.94 -5.22 -2.10
N THR A 53 11.99 -5.99 -2.35
CA THR A 53 11.85 -7.42 -2.67
C THR A 53 11.13 -8.13 -1.51
N ASN A 54 11.60 -7.90 -0.29
CA ASN A 54 10.99 -8.48 0.90
C ASN A 54 9.51 -8.14 1.01
N HIS A 55 9.17 -6.87 0.79
CA HIS A 55 7.77 -6.45 0.86
C HIS A 55 6.92 -7.12 -0.21
N VAL A 56 7.45 -7.21 -1.42
CA VAL A 56 6.73 -7.87 -2.50
C VAL A 56 6.31 -9.29 -2.08
N GLN A 57 7.20 -10.02 -1.43
CA GLN A 57 6.88 -11.38 -1.04
C GLN A 57 5.74 -11.39 0.01
N VAL A 58 5.79 -10.44 0.93
CA VAL A 58 4.76 -10.28 1.94
C VAL A 58 3.42 -9.90 1.29
N LEU A 59 3.51 -9.06 0.27
CA LEU A 59 2.33 -8.57 -0.40
C LEU A 59 1.63 -9.72 -1.15
N VAL A 60 2.42 -10.63 -1.73
CA VAL A 60 1.84 -11.78 -2.44
C VAL A 60 1.06 -12.68 -1.49
N GLU A 61 1.61 -12.91 -0.31
CA GLU A 61 1.00 -13.78 0.69
C GLU A 61 -0.28 -13.17 1.26
N PHE A 62 -0.27 -11.85 1.45
CA PHE A 62 -1.47 -11.16 1.93
C PHE A 62 -2.53 -11.15 0.83
N THR A 63 -2.08 -10.87 -0.39
CA THR A 63 -2.95 -10.79 -1.55
C THR A 63 -3.69 -12.10 -1.76
N LYS A 64 -2.95 -13.19 -1.81
CA LYS A 64 -3.52 -14.53 -1.98
C LYS A 64 -4.63 -14.84 -0.96
N LYS A 65 -4.52 -14.27 0.23
CA LYS A 65 -5.48 -14.54 1.31
C LYS A 65 -6.76 -13.71 1.23
N LEU A 66 -6.72 -12.61 0.50
CA LEU A 66 -7.89 -11.73 0.40
C LEU A 66 -9.12 -12.54 0.01
N PRO A 67 -10.27 -12.19 0.59
CA PRO A 67 -11.54 -12.90 0.38
C PRO A 67 -12.03 -12.89 -1.07
N GLY A 68 -12.06 -14.06 -1.68
CA GLY A 68 -12.57 -14.19 -3.04
C GLY A 68 -11.51 -14.00 -4.09
N PHE A 69 -10.30 -13.62 -3.67
CA PHE A 69 -9.21 -13.38 -4.63
C PHE A 69 -9.06 -14.59 -5.54
N GLN A 70 -9.20 -15.77 -4.95
CA GLN A 70 -9.00 -17.01 -5.70
C GLN A 70 -10.08 -17.27 -6.76
N THR A 71 -11.22 -16.59 -6.62
CA THR A 71 -12.31 -16.73 -7.58
C THR A 71 -12.09 -15.85 -8.82
N LEU A 72 -11.04 -15.02 -8.76
CA LEU A 72 -10.69 -14.14 -9.87
C LEU A 72 -9.87 -14.92 -10.92
N ASP A 73 -10.02 -14.54 -12.18
CA ASP A 73 -9.21 -15.12 -13.25
C ASP A 73 -7.73 -14.97 -12.90
N HIS A 74 -6.92 -15.99 -13.23
CA HIS A 74 -5.52 -15.97 -12.87
C HIS A 74 -4.77 -14.76 -13.40
N GLU A 75 -5.00 -14.41 -14.66
CA GLU A 75 -4.33 -13.26 -15.25
C GLU A 75 -4.73 -11.96 -14.55
N ASP A 76 -5.99 -11.87 -14.10
CA ASP A 76 -6.46 -10.70 -13.37
C ASP A 76 -5.80 -10.64 -12.00
N GLN A 77 -5.69 -11.80 -11.35
CA GLN A 77 -4.97 -11.91 -10.09
C GLN A 77 -3.57 -11.30 -10.21
N ILE A 78 -2.82 -11.71 -11.24
CA ILE A 78 -1.48 -11.22 -11.48
C ILE A 78 -1.44 -9.72 -11.75
N ALA A 79 -2.38 -9.23 -12.57
CA ALA A 79 -2.43 -7.81 -12.89
C ALA A 79 -2.78 -6.97 -11.66
N LEU A 80 -3.58 -7.53 -10.75
CA LEU A 80 -3.89 -6.79 -9.53
C LEU A 80 -2.65 -6.70 -8.65
N LEU A 81 -1.92 -7.79 -8.56
CA LEU A 81 -0.71 -7.82 -7.76
C LEU A 81 0.33 -6.83 -8.30
N LYS A 82 0.57 -6.89 -9.60
CA LYS A 82 1.52 -5.95 -10.22
C LYS A 82 1.02 -4.52 -10.14
N GLY A 83 -0.26 -4.32 -10.43
CA GLY A 83 -0.85 -2.98 -10.43
C GLY A 83 -0.77 -2.27 -9.09
N SER A 84 -0.73 -3.04 -8.00
CA SER A 84 -0.87 -2.45 -6.67
C SER A 84 0.43 -2.37 -5.89
N ALA A 85 1.49 -2.97 -6.43
CA ALA A 85 2.71 -3.18 -5.63
C ALA A 85 3.28 -1.87 -5.12
N VAL A 86 3.30 -0.85 -5.96
CA VAL A 86 3.92 0.42 -5.56
C VAL A 86 3.05 1.15 -4.55
N GLU A 87 1.74 1.23 -4.82
CA GLU A 87 0.82 1.85 -3.87
C GLU A 87 0.90 1.14 -2.53
N ALA A 88 0.87 -0.19 -2.55
CA ALA A 88 1.02 -0.97 -1.32
C ALA A 88 2.33 -0.72 -0.60
N MET A 89 3.42 -0.60 -1.35
CA MET A 89 4.73 -0.35 -0.74
C MET A 89 4.73 0.97 0.01
N PHE A 90 4.08 1.97 -0.58
CA PHE A 90 4.05 3.30 0.04
C PHE A 90 3.11 3.35 1.22
N LEU A 91 2.06 2.54 1.17
CA LEU A 91 1.10 2.55 2.27
C LEU A 91 1.73 1.84 3.47
N ARG A 92 2.43 0.74 3.21
CA ARG A 92 3.18 0.07 4.26
C ARG A 92 4.31 0.97 4.81
N SER A 93 4.95 1.74 3.94
CA SER A 93 6.01 2.67 4.36
C SER A 93 5.45 3.75 5.28
N ALA A 94 4.28 4.28 4.93
CA ALA A 94 3.59 5.27 5.79
C ALA A 94 3.34 4.65 7.16
N GLU A 95 2.89 3.40 7.17
CA GLU A 95 2.64 2.70 8.43
C GLU A 95 3.90 2.58 9.28
N ILE A 96 5.00 2.17 8.65
CA ILE A 96 6.27 2.02 9.36
C ILE A 96 6.76 3.37 9.89
N PHE A 97 6.67 4.39 9.05
CA PHE A 97 7.08 5.75 9.42
C PHE A 97 6.31 6.25 10.65
N ASN A 98 5.02 5.93 10.73
CA ASN A 98 4.18 6.46 11.80
C ASN A 98 4.12 5.59 13.06
N LYS A 99 4.16 4.28 12.87
CA LYS A 99 3.89 3.35 13.97
C LYS A 99 5.14 2.70 14.50
N LYS A 100 6.23 2.75 13.74
CA LYS A 100 7.42 1.99 14.10
C LYS A 100 8.69 2.80 14.22
N LEU A 101 8.82 3.81 13.39
CA LEU A 101 10.05 4.61 13.36
C LEU A 101 9.98 5.72 14.39
N PRO A 102 10.86 5.69 15.40
CA PRO A 102 10.92 6.81 16.33
C PRO A 102 11.00 8.13 15.57
N SER A 103 10.20 9.10 16.01
CA SER A 103 10.18 10.43 15.41
C SER A 103 11.59 11.01 15.30
N GLY A 104 12.45 10.68 16.27
CA GLY A 104 13.81 11.21 16.29
C GLY A 104 14.72 10.70 15.18
N HIS A 105 14.32 9.59 14.56
CA HIS A 105 15.06 9.01 13.46
C HIS A 105 14.47 9.40 12.11
N SER A 106 13.40 10.18 12.14
CA SER A 106 12.71 10.59 10.93
C SER A 106 13.69 11.24 9.96
N ASP A 107 14.48 12.18 10.47
CA ASP A 107 15.45 12.91 9.67
C ASP A 107 16.52 12.00 9.08
N LEU A 108 16.97 11.05 9.88
CA LEU A 108 17.97 10.08 9.45
C LEU A 108 17.47 9.32 8.24
N LEU A 109 16.27 8.75 8.36
CA LEU A 109 15.66 8.01 7.25
C LEU A 109 15.65 8.83 5.98
N GLU A 110 15.17 10.06 6.07
CA GLU A 110 15.12 10.93 4.91
C GLU A 110 16.52 11.21 4.34
N GLU A 111 17.47 11.56 5.21
CA GLU A 111 18.83 11.83 4.76
C GLU A 111 19.44 10.64 4.01
N ARG A 112 19.25 9.45 4.56
CA ARG A 112 19.78 8.23 3.96
C ARG A 112 19.13 7.91 2.62
N ILE A 113 17.81 8.11 2.53
CA ILE A 113 17.08 7.93 1.28
C ILE A 113 17.58 8.93 0.22
N ARG A 114 17.89 10.15 0.64
CA ARG A 114 18.50 11.13 -0.27
C ARG A 114 19.78 10.56 -0.85
N ASN A 115 20.66 10.11 0.06
CA ASN A 115 21.98 9.62 -0.30
C ASN A 115 21.98 8.26 -1.02
N SER A 116 20.80 7.79 -1.40
CA SER A 116 20.69 6.56 -2.17
C SER A 116 20.68 6.89 -3.66
N GLY A 117 20.49 8.17 -3.95
CA GLY A 117 20.41 8.63 -5.33
C GLY A 117 19.10 9.35 -5.58
N ILE A 118 18.03 8.82 -4.99
CA ILE A 118 16.71 9.42 -5.07
C ILE A 118 16.76 10.89 -4.65
N SER A 119 16.41 11.78 -5.58
CA SER A 119 16.53 13.22 -5.34
C SER A 119 15.36 13.74 -4.50
N ASP A 120 15.63 14.75 -3.68
CA ASP A 120 14.61 15.34 -2.82
C ASP A 120 13.41 15.81 -3.63
N GLU A 121 13.59 15.89 -4.94
CA GLU A 121 12.49 16.23 -5.84
C GLU A 121 11.26 15.38 -5.52
N TYR A 122 11.43 14.07 -5.46
CA TYR A 122 10.31 13.17 -5.20
C TYR A 122 10.32 12.51 -3.82
N ILE A 123 11.40 12.71 -3.07
CA ILE A 123 11.41 12.39 -1.66
C ILE A 123 10.42 13.30 -0.92
N THR A 124 10.28 14.54 -1.38
CA THR A 124 9.43 15.52 -0.71
C THR A 124 7.95 15.11 -0.59
N PRO A 125 7.29 14.83 -1.73
CA PRO A 125 5.90 14.38 -1.64
C PRO A 125 5.75 13.04 -0.90
N MET A 126 6.83 12.26 -0.88
CA MET A 126 6.84 10.98 -0.19
C MET A 126 6.68 11.18 1.31
N PHE A 127 7.52 12.01 1.90
CA PHE A 127 7.43 12.27 3.33
C PHE A 127 6.23 13.13 3.71
N SER A 128 5.77 13.97 2.79
CA SER A 128 4.54 14.75 3.02
C SER A 128 3.37 13.80 3.19
N PHE A 129 3.33 12.77 2.34
CA PHE A 129 2.28 11.79 2.39
C PHE A 129 2.35 11.01 3.70
N TYR A 130 3.55 10.59 4.10
CA TYR A 130 3.72 9.88 5.37
C TYR A 130 3.15 10.70 6.52
N LYS A 131 3.46 11.99 6.53
CA LYS A 131 2.97 12.86 7.59
C LYS A 131 1.48 13.15 7.45
N SER A 132 1.02 13.28 6.21
CA SER A 132 -0.40 13.38 5.94
C SER A 132 -1.18 12.20 6.54
N ILE A 133 -0.65 11.00 6.32
CA ILE A 133 -1.29 9.77 6.82
C ILE A 133 -1.26 9.77 8.34
N GLY A 134 -0.14 10.19 8.90
CA GLY A 134 0.01 10.32 10.33
C GLY A 134 -1.06 11.18 10.95
N GLU A 135 -1.48 12.23 10.24
CA GLU A 135 -2.49 13.17 10.76
C GLU A 135 -3.88 12.53 10.87
N LEU A 136 -4.14 11.52 10.05
CA LEU A 136 -5.41 10.79 10.16
C LEU A 136 -5.39 9.80 11.30
N LYS A 137 -4.24 9.67 11.97
CA LYS A 137 -4.00 8.61 12.95
C LYS A 137 -4.84 7.35 12.70
N MET A 138 -4.58 6.69 11.57
CA MET A 138 -5.27 5.46 11.21
C MET A 138 -4.91 4.32 12.14
N THR A 139 -5.90 3.53 12.52
CA THR A 139 -5.69 2.30 13.27
C THR A 139 -5.08 1.23 12.36
N GLN A 140 -4.63 0.15 12.95
CA GLN A 140 -4.07 -0.94 12.17
C GLN A 140 -5.16 -1.51 11.28
N GLU A 141 -6.39 -1.52 11.76
CA GLU A 141 -7.51 -2.03 10.97
C GLU A 141 -7.69 -1.23 9.69
N GLU A 142 -7.58 0.09 9.79
CA GLU A 142 -7.69 0.93 8.57
C GLU A 142 -6.55 0.70 7.58
N TYR A 143 -5.33 0.55 8.08
CA TYR A 143 -4.19 0.22 7.21
C TYR A 143 -4.44 -1.08 6.47
N ALA A 144 -4.87 -2.10 7.22
CA ALA A 144 -5.14 -3.43 6.66
C ALA A 144 -6.22 -3.38 5.60
N LEU A 145 -7.33 -2.72 5.90
CA LEU A 145 -8.42 -2.64 4.94
C LEU A 145 -8.07 -1.79 3.73
N LEU A 146 -7.40 -0.67 3.95
CA LEU A 146 -6.97 0.17 2.84
C LEU A 146 -6.06 -0.60 1.90
N THR A 147 -5.17 -1.39 2.46
CA THR A 147 -4.23 -2.16 1.65
C THR A 147 -5.01 -3.13 0.77
N ALA A 148 -5.97 -3.82 1.37
CA ALA A 148 -6.80 -4.77 0.63
C ALA A 148 -7.58 -4.08 -0.47
N ILE A 149 -8.04 -2.86 -0.19
CA ILE A 149 -8.84 -2.09 -1.12
C ILE A 149 -7.99 -1.58 -2.30
N VAL A 150 -6.78 -1.16 -1.98
CA VAL A 150 -5.77 -0.84 -2.99
C VAL A 150 -5.51 -2.01 -3.94
N ILE A 151 -5.37 -3.20 -3.38
CA ILE A 151 -5.04 -4.39 -4.17
C ILE A 151 -6.24 -4.76 -5.05
N LEU A 152 -7.42 -4.70 -4.47
CA LEU A 152 -8.63 -5.01 -5.23
C LEU A 152 -9.24 -3.80 -5.96
N SER A 153 -8.42 -3.10 -6.74
CA SER A 153 -8.89 -1.97 -7.55
C SER A 153 -9.36 -2.44 -8.91
N PRO A 154 -10.67 -2.24 -9.19
CA PRO A 154 -11.28 -2.72 -10.44
C PRO A 154 -10.77 -1.99 -11.66
N ASP A 155 -10.13 -0.83 -11.48
CA ASP A 155 -9.74 -0.02 -12.62
C ASP A 155 -8.24 -0.12 -12.96
N ARG A 156 -7.59 -1.16 -12.47
CA ARG A 156 -6.19 -1.40 -12.82
C ARG A 156 -6.03 -1.63 -14.32
N GLN A 157 -4.92 -1.18 -14.87
CA GLN A 157 -4.59 -1.46 -16.25
C GLN A 157 -4.60 -2.97 -16.45
N TYR A 158 -5.21 -3.41 -17.54
CA TYR A 158 -5.13 -4.80 -18.00
C TYR A 158 -6.12 -5.78 -17.36
N ILE A 159 -6.98 -5.28 -16.48
CA ILE A 159 -7.98 -6.14 -15.84
C ILE A 159 -9.09 -6.50 -16.80
N LYS A 160 -9.45 -7.77 -16.85
CA LYS A 160 -10.46 -8.25 -17.80
C LYS A 160 -11.88 -8.24 -17.25
N ASP A 161 -12.07 -8.71 -16.03
CA ASP A 161 -13.38 -8.72 -15.39
C ASP A 161 -13.43 -7.74 -14.22
N ARG A 162 -13.67 -6.47 -14.52
CA ARG A 162 -13.64 -5.44 -13.48
C ARG A 162 -14.83 -5.54 -12.55
N GLU A 163 -15.96 -5.99 -13.08
CA GLU A 163 -17.15 -6.20 -12.28
C GLU A 163 -16.86 -7.12 -11.08
N ALA A 164 -16.22 -8.25 -11.35
CA ALA A 164 -15.89 -9.20 -10.31
C ALA A 164 -14.93 -8.62 -9.26
N VAL A 165 -14.01 -7.77 -9.69
CA VAL A 165 -13.12 -7.14 -8.74
C VAL A 165 -13.89 -6.10 -7.93
N GLU A 166 -14.77 -5.36 -8.60
CA GLU A 166 -15.59 -4.37 -7.92
C GLU A 166 -16.40 -5.06 -6.84
N LYS A 167 -16.83 -6.28 -7.15
CA LYS A 167 -17.67 -7.05 -6.25
C LYS A 167 -16.90 -7.53 -5.03
N LEU A 168 -15.60 -7.73 -5.16
CA LEU A 168 -14.78 -8.12 -4.02
C LEU A 168 -14.37 -6.91 -3.19
N GLN A 169 -14.22 -5.78 -3.86
CA GLN A 169 -13.81 -4.54 -3.21
C GLN A 169 -14.94 -3.90 -2.40
N GLU A 170 -16.17 -4.07 -2.88
CA GLU A 170 -17.35 -3.48 -2.25
C GLU A 170 -17.48 -3.75 -0.75
N PRO A 171 -17.42 -5.03 -0.36
CA PRO A 171 -17.63 -5.34 1.07
C PRO A 171 -16.50 -4.77 1.93
N LEU A 172 -15.30 -4.67 1.38
CA LEU A 172 -14.17 -4.12 2.13
C LEU A 172 -14.41 -2.62 2.37
N LEU A 173 -14.96 -1.93 1.38
CA LEU A 173 -15.26 -0.52 1.51
C LEU A 173 -16.37 -0.30 2.56
N ASP A 174 -17.37 -1.16 2.51
CA ASP A 174 -18.45 -1.13 3.48
C ASP A 174 -17.90 -1.27 4.91
N VAL A 175 -17.08 -2.29 5.11
CA VAL A 175 -16.48 -2.53 6.43
C VAL A 175 -15.65 -1.32 6.88
N LEU A 176 -14.80 -0.82 5.99
CA LEU A 176 -13.98 0.36 6.30
C LEU A 176 -14.83 1.59 6.68
N GLN A 177 -15.91 1.83 5.94
CA GLN A 177 -16.79 2.94 6.29
C GLN A 177 -17.42 2.76 7.68
N LYS A 178 -17.80 1.53 8.01
CA LYS A 178 -18.33 1.25 9.35
C LYS A 178 -17.25 1.46 10.42
N LEU A 179 -16.02 1.07 10.10
CA LEU A 179 -14.89 1.23 11.01
C LEU A 179 -14.53 2.70 11.23
N CYS A 180 -14.73 3.52 10.20
CA CYS A 180 -14.50 4.96 10.29
C CYS A 180 -15.49 5.64 11.25
N LYS A 181 -16.77 5.31 11.11
CA LYS A 181 -17.78 5.79 12.06
C LYS A 181 -17.44 5.33 13.47
N ILE A 182 -17.08 4.06 13.60
CA ILE A 182 -16.76 3.46 14.89
C ILE A 182 -15.58 4.12 15.61
N HIS A 183 -14.50 4.37 14.88
CA HIS A 183 -13.30 4.94 15.51
C HIS A 183 -13.37 6.47 15.66
N GLN A 184 -14.13 7.13 14.79
CA GLN A 184 -14.29 8.57 14.87
C GLN A 184 -15.74 8.97 14.56
N PRO A 185 -16.64 8.69 15.49
CA PRO A 185 -18.07 8.99 15.38
C PRO A 185 -18.35 10.48 15.15
N GLU A 186 -17.60 11.34 15.84
CA GLU A 186 -17.82 12.78 15.76
C GLU A 186 -17.03 13.42 14.64
N ASN A 187 -16.48 12.60 13.75
CA ASN A 187 -15.79 13.10 12.56
C ASN A 187 -16.25 12.37 11.30
N PRO A 188 -17.47 12.67 10.86
CA PRO A 188 -18.21 11.96 9.79
C PRO A 188 -17.53 12.01 8.42
N GLN A 189 -16.58 12.91 8.25
CA GLN A 189 -15.89 13.02 6.96
C GLN A 189 -14.60 12.18 6.94
N HIS A 190 -14.42 11.32 7.93
CA HIS A 190 -13.21 10.52 8.05
C HIS A 190 -13.05 9.52 6.89
N PHE A 191 -14.09 8.75 6.61
CA PHE A 191 -14.04 7.80 5.50
C PHE A 191 -13.60 8.48 4.20
N ALA A 192 -14.18 9.65 3.93
CA ALA A 192 -13.84 10.45 2.75
C ALA A 192 -12.37 10.90 2.78
N CYS A 193 -11.93 11.35 3.94
CA CYS A 193 -10.52 11.71 4.14
C CYS A 193 -9.59 10.55 3.79
N LEU A 194 -9.99 9.32 4.10
CA LEU A 194 -9.21 8.14 3.75
C LEU A 194 -9.18 7.93 2.25
N LEU A 195 -10.33 8.10 1.61
CA LEU A 195 -10.40 8.04 0.16
C LEU A 195 -9.50 9.13 -0.42
N GLY A 196 -9.40 10.25 0.29
CA GLY A 196 -8.55 11.35 -0.14
C GLY A 196 -7.09 10.94 -0.21
N ARG A 197 -6.66 10.16 0.78
CA ARG A 197 -5.29 9.66 0.83
C ARG A 197 -5.02 8.62 -0.26
N LEU A 198 -6.04 7.82 -0.58
CA LEU A 198 -5.92 6.86 -1.66
C LEU A 198 -5.63 7.56 -2.97
N THR A 199 -6.17 8.78 -3.12
CA THR A 199 -5.89 9.61 -4.28
C THR A 199 -4.42 10.04 -4.28
N GLU A 200 -3.97 10.56 -3.14
CA GLU A 200 -2.60 11.03 -3.00
C GLU A 200 -1.63 9.87 -3.19
N LEU A 201 -2.04 8.70 -2.71
CA LEU A 201 -1.25 7.48 -2.83
C LEU A 201 -1.04 7.10 -4.30
N ARG A 202 -2.07 7.25 -5.12
CA ARG A 202 -2.00 6.87 -6.53
C ARG A 202 -1.02 7.70 -7.36
N THR A 203 -0.71 8.90 -6.88
CA THR A 203 0.24 9.76 -7.59
C THR A 203 1.64 9.14 -7.59
N PHE A 204 1.89 8.20 -6.68
CA PHE A 204 3.23 7.62 -6.54
C PHE A 204 3.56 6.62 -7.64
N ASN A 205 2.54 6.14 -8.34
CA ASN A 205 2.79 5.28 -9.49
C ASN A 205 3.63 6.01 -10.53
N HIS A 206 3.28 7.27 -10.78
CA HIS A 206 4.02 8.12 -11.70
C HIS A 206 5.40 8.49 -11.14
N HIS A 207 5.41 8.96 -9.90
CA HIS A 207 6.66 9.22 -9.21
C HIS A 207 7.63 8.04 -9.33
N HIS A 208 7.16 6.84 -9.03
CA HIS A 208 8.03 5.65 -9.07
C HIS A 208 8.48 5.33 -10.49
N ALA A 209 7.58 5.50 -11.43
CA ALA A 209 7.87 5.32 -12.83
C ALA A 209 9.04 6.23 -13.25
N GLU A 210 8.93 7.51 -12.92
CA GLU A 210 10.00 8.46 -13.20
C GLU A 210 11.29 7.93 -12.60
N MET A 211 11.21 7.52 -11.33
CA MET A 211 12.36 7.04 -10.58
C MET A 211 13.07 5.86 -11.23
N LEU A 212 12.34 4.82 -11.61
CA LEU A 212 12.95 3.65 -12.21
C LEU A 212 13.63 3.97 -13.54
N MET A 213 13.05 4.93 -14.27
CA MET A 213 13.65 5.37 -15.53
C MET A 213 15.08 5.88 -15.29
N SER A 214 15.17 6.90 -14.47
CA SER A 214 16.44 7.52 -14.11
C SER A 214 17.39 6.47 -13.56
N TRP A 215 16.89 5.69 -12.61
CA TRP A 215 17.69 4.63 -12.00
C TRP A 215 18.29 3.72 -13.06
N ARG A 216 17.49 3.38 -14.07
CA ARG A 216 17.93 2.43 -15.07
C ARG A 216 18.85 3.10 -16.09
N VAL A 217 18.75 4.41 -16.21
CA VAL A 217 19.66 5.20 -17.04
C VAL A 217 21.06 5.21 -16.40
N ASN A 218 21.10 5.37 -15.08
CA ASN A 218 22.35 5.27 -14.33
C ASN A 218 22.77 3.82 -14.08
N ASP A 219 22.10 2.89 -14.77
CA ASP A 219 22.41 1.46 -14.69
C ASP A 219 22.30 0.88 -13.28
N HIS A 220 21.17 1.14 -12.61
CA HIS A 220 20.97 0.72 -11.22
C HIS A 220 20.79 -0.78 -11.00
N LYS A 221 20.44 -1.51 -12.06
CA LYS A 221 20.20 -2.96 -11.96
C LYS A 221 19.21 -3.36 -10.85
N PHE A 222 18.48 -4.47 -11.06
CA PHE A 222 17.48 -4.88 -10.08
C PHE A 222 17.31 -6.39 -10.04
N THR A 223 16.76 -6.90 -8.94
CA THR A 223 16.42 -8.31 -8.85
C THR A 223 15.36 -8.67 -9.90
N PRO A 224 15.38 -9.90 -10.39
CA PRO A 224 14.39 -10.29 -11.39
C PRO A 224 12.94 -10.06 -10.93
N LEU A 225 12.67 -10.30 -9.65
CA LEU A 225 11.32 -10.13 -9.14
C LEU A 225 10.86 -8.67 -9.30
N LEU A 226 11.74 -7.74 -8.94
CA LEU A 226 11.42 -6.32 -9.06
C LEU A 226 11.29 -5.91 -10.52
N CYS A 227 12.17 -6.45 -11.35
CA CYS A 227 12.10 -6.20 -12.78
C CYS A 227 10.73 -6.59 -13.29
N GLU A 228 10.22 -7.71 -12.80
CA GLU A 228 8.93 -8.19 -13.25
C GLU A 228 7.80 -7.33 -12.66
N ILE A 229 7.79 -7.19 -11.34
CA ILE A 229 6.68 -6.51 -10.71
C ILE A 229 6.61 -5.01 -11.05
N TRP A 230 7.77 -4.38 -11.27
CA TRP A 230 7.84 -2.96 -11.61
C TRP A 230 8.01 -2.67 -13.11
N ASP A 231 7.84 -3.68 -13.94
CA ASP A 231 7.91 -3.44 -15.38
C ASP A 231 9.19 -2.75 -15.80
N VAL A 232 10.33 -3.19 -15.29
CA VAL A 232 11.60 -2.70 -15.80
C VAL A 232 12.22 -3.72 -16.75
#